data_7PNG
#
_entry.id   7PNG
#
loop_
_entity.id
_entity.type
_entity.pdbx_description
1 polymer 'DNA (37-MER)'
2 non-polymer "~{N}-(5~{H}-indolo[3,2-b]quinolin-11-yl)-~{N}',~{N}'-dimethyl-propane-1,3-diamine"
#
_entity_poly.entity_id   1
_entity_poly.type   'polydeoxyribonucleotide'
_entity_poly.pdbx_seq_one_letter_code
;(THM)(DT)(DA)(DG)(DG)(DT)(DG)(DG)(DG)(DT)(DA)(DG)(DG)(DG)(DT)(DG)(DG)(DG)(DC)
(DT)(DA)(DG)(DT)(DC)(DA)(DT)(DT)(DT)(DT)(DG)(DA)(DC)(DT)(DA)(DG)(DG)
;
_entity_poly.pdbx_strand_id   A
#